data_6KBJ
#
_entry.id   6KBJ
#
_cell.length_a   152.477
_cell.length_b   152.477
_cell.length_c   146.162
_cell.angle_alpha   90.000
_cell.angle_beta   90.000
_cell.angle_gamma   120.000
#
_symmetry.space_group_name_H-M   'P 61 2 2'
#
loop_
_entity.id
_entity.type
_entity.pdbx_description
1 polymer Lectin
2 branched 2-acetamido-2-deoxy-beta-D-glucopyranose-(1-4)-2-acetamido-2-deoxy-beta-D-glucopyranose
3 non-polymer 'CALCIUM ION'
4 non-polymer 'MALONATE ION'
5 water water
#
_entity_poly.entity_id   1
_entity_poly.type   'polypeptide(L)'
_entity_poly.pdbx_seq_one_letter_code
;MVLLVIGLPLVSLVVALVAAAAPDSQVCDVDSTATCKITATPSQFQPALLNASKWIWTGENPIPGGSNIISTRPFRKNIT
APCGKCSVCATIVVASDDAHTFYVNGVRIGTGAGFRQGQALFVALQPTWNLFAIAGQNLVANSPAGIMASILVHFSDGTS
ETFVTDESWKTLRAAPPENFQLPSTNDSNWPSAAVQGAYQNSVWGPPVLPPVLPLRGSNWIWTSDNVNGAAPVGSRAFRK
TVNQCTKVAVCATVLIAADDRYTLYVNGATVGSGSSYTVADAYTIPNLHPTFNTFAINATNGGGPAGVIATILITYSDGS
NETVVTDASWKAIQTIPQGFQPPLIDEFGWESAKIIGAFGVAPWGAGMVIPSA
;
_entity_poly.pdbx_strand_id   A
#
loop_
_chem_comp.id
_chem_comp.type
_chem_comp.name
_chem_comp.formula
CA non-polymer 'CALCIUM ION' 'Ca 2'
MLI non-polymer 'MALONATE ION' 'C3 H2 O4 -2'
NAG D-saccharide, beta linking 2-acetamido-2-deoxy-beta-D-glucopyranose 'C8 H15 N O6'
#
# COMPACT_ATOMS: atom_id res chain seq x y z
N THR A 35 -8.26 18.56 10.02
CA THR A 35 -9.39 19.39 10.56
C THR A 35 -10.56 18.53 11.13
N CYS A 36 -10.53 17.18 10.96
CA CYS A 36 -11.55 16.28 11.62
C CYS A 36 -10.84 15.34 12.58
N LYS A 37 -11.57 15.04 13.64
CA LYS A 37 -11.21 13.98 14.52
C LYS A 37 -11.24 12.65 13.70
N ILE A 38 -10.16 11.89 13.81
CA ILE A 38 -10.09 10.57 13.31
C ILE A 38 -10.66 9.63 14.32
N THR A 39 -11.86 9.09 14.06
CA THR A 39 -12.43 8.03 14.92
C THR A 39 -12.27 6.65 14.30
N ALA A 40 -11.81 6.57 13.07
CA ALA A 40 -11.42 5.23 12.50
C ALA A 40 -10.39 4.58 13.38
N THR A 41 -10.53 3.29 13.63
CA THR A 41 -9.55 2.52 14.32
C THR A 41 -8.92 1.37 13.46
N PRO A 42 -7.84 0.74 13.93
CA PRO A 42 -7.26 -0.36 13.13
C PRO A 42 -8.27 -1.44 12.81
N SER A 43 -8.12 -1.99 11.60
CA SER A 43 -9.04 -2.98 11.04
C SER A 43 -8.27 -3.89 10.05
N GLN A 44 -8.92 -4.98 9.66
CA GLN A 44 -8.50 -5.77 8.55
C GLN A 44 -8.41 -4.89 7.29
N PHE A 45 -7.35 -5.10 6.54
CA PHE A 45 -7.09 -4.39 5.28
C PHE A 45 -8.26 -4.63 4.28
N GLN A 46 -8.72 -3.61 3.63
CA GLN A 46 -9.78 -3.63 2.65
C GLN A 46 -9.14 -3.42 1.26
N PRO A 47 -9.17 -4.45 0.40
CA PRO A 47 -8.56 -4.28 -0.94
C PRO A 47 -9.32 -3.24 -1.79
N ALA A 48 -8.60 -2.36 -2.46
CA ALA A 48 -9.11 -1.64 -3.59
C ALA A 48 -9.20 -2.64 -4.77
N LEU A 49 -10.34 -2.59 -5.44
CA LEU A 49 -10.67 -3.45 -6.55
C LEU A 49 -10.78 -2.66 -7.82
N LEU A 50 -10.54 -3.32 -8.97
CA LEU A 50 -10.61 -2.75 -10.30
C LEU A 50 -11.93 -2.93 -11.06
N ASN A 51 -12.82 -3.70 -10.51
CA ASN A 51 -14.15 -4.15 -11.08
C ASN A 51 -15.00 -3.04 -11.63
N ALA A 52 -15.01 -1.86 -10.98
CA ALA A 52 -15.87 -0.71 -11.45
C ALA A 52 -15.06 0.24 -12.23
N SER A 53 -13.77 -0.06 -12.43
CA SER A 53 -12.92 0.92 -13.07
C SER A 53 -12.94 0.83 -14.64
N LYS A 54 -12.57 1.94 -15.32
CA LYS A 54 -12.48 1.98 -16.76
C LYS A 54 -11.09 2.32 -17.24
N TRP A 55 -10.71 1.74 -18.39
CA TRP A 55 -9.56 2.19 -19.14
C TRP A 55 -9.82 3.52 -19.84
N ILE A 56 -8.87 4.48 -19.80
CA ILE A 56 -9.00 5.73 -20.48
C ILE A 56 -7.79 6.07 -21.30
N TRP A 57 -8.03 6.85 -22.35
CA TRP A 57 -7.03 7.47 -23.23
C TRP A 57 -7.67 8.73 -23.77
N THR A 58 -7.16 9.24 -24.88
CA THR A 58 -7.53 10.55 -25.39
C THR A 58 -8.62 10.56 -26.41
N GLY A 59 -8.82 9.49 -27.13
CA GLY A 59 -9.87 9.45 -28.17
C GLY A 59 -9.35 9.97 -29.48
N GLU A 60 -8.05 10.25 -29.56
CA GLU A 60 -7.42 10.50 -30.82
C GLU A 60 -7.75 9.45 -31.85
N ASN A 61 -7.87 8.19 -31.44
CA ASN A 61 -8.52 7.22 -32.25
C ASN A 61 -9.91 7.05 -31.61
N PRO A 62 -11.01 7.32 -32.36
CA PRO A 62 -12.36 7.17 -31.75
C PRO A 62 -12.75 5.71 -31.55
N ILE A 63 -11.98 4.76 -32.07
CA ILE A 63 -12.26 3.34 -31.80
C ILE A 63 -11.64 2.93 -30.46
N PRO A 64 -12.42 2.55 -29.47
CA PRO A 64 -11.78 2.20 -28.22
C PRO A 64 -11.01 0.91 -28.32
N GLY A 65 -9.82 0.86 -27.69
CA GLY A 65 -9.02 -0.35 -27.87
C GLY A 65 -8.29 -0.32 -29.23
N GLY A 66 -8.43 0.77 -29.96
CA GLY A 66 -7.93 0.85 -31.29
C GLY A 66 -6.41 1.21 -31.29
N SER A 67 -5.82 1.21 -32.48
CA SER A 67 -4.44 1.58 -32.64
C SER A 67 -4.20 3.08 -32.41
N ASN A 68 -3.15 3.37 -31.63
CA ASN A 68 -2.72 4.68 -31.27
C ASN A 68 -1.20 4.86 -31.59
N ILE A 69 -0.82 6.11 -31.71
CA ILE A 69 0.57 6.48 -31.98
C ILE A 69 1.39 6.46 -30.68
N ILE A 70 2.70 6.39 -30.82
CA ILE A 70 3.61 6.49 -29.70
C ILE A 70 3.46 7.86 -29.15
N SER A 71 3.20 8.01 -27.86
CA SER A 71 2.88 9.33 -27.36
C SER A 71 2.79 9.28 -25.87
N THR A 72 2.83 10.46 -25.26
CA THR A 72 2.63 10.60 -23.83
C THR A 72 1.45 11.53 -23.67
N ARG A 73 0.55 11.27 -22.70
CA ARG A 73 -0.67 12.03 -22.57
C ARG A 73 -1.03 12.19 -21.11
N PRO A 74 -1.63 13.34 -20.75
CA PRO A 74 -1.95 13.63 -19.38
C PRO A 74 -3.37 13.31 -19.05
N PHE A 75 -3.60 12.99 -17.77
CA PHE A 75 -4.93 12.70 -17.25
C PHE A 75 -4.98 13.28 -15.85
N ARG A 76 -6.08 13.95 -15.50
CA ARG A 76 -6.26 14.60 -14.21
C ARG A 76 -7.64 14.45 -13.69
N LYS A 77 -7.77 14.41 -12.40
CA LYS A 77 -9.08 14.44 -11.79
C LYS A 77 -8.96 15.04 -10.40
N ASN A 78 -9.80 16.01 -10.14
CA ASN A 78 -9.91 16.59 -8.83
C ASN A 78 -11.00 15.93 -8.08
N ILE A 79 -10.72 15.29 -6.96
CA ILE A 79 -11.74 14.60 -6.25
C ILE A 79 -11.93 15.23 -4.90
N THR A 80 -13.19 15.50 -4.54
CA THR A 80 -13.51 16.18 -3.29
C THR A 80 -14.11 15.22 -2.30
N ALA A 81 -13.89 15.47 -1.01
CA ALA A 81 -14.46 14.59 0.03
C ALA A 81 -15.96 14.92 0.16
N PRO A 82 -16.81 13.90 0.35
CA PRO A 82 -18.23 14.23 0.57
C PRO A 82 -18.51 14.95 1.89
N CYS A 83 -19.71 15.52 2.00
CA CYS A 83 -20.44 15.67 3.29
C CYS A 83 -19.64 16.39 4.37
N GLY A 84 -19.60 15.87 5.60
CA GLY A 84 -18.73 16.41 6.67
C GLY A 84 -17.72 15.33 6.99
N LYS A 85 -17.05 14.86 5.93
CA LYS A 85 -16.06 13.78 6.01
C LYS A 85 -14.72 14.42 5.64
N CYS A 86 -13.64 14.02 6.34
CA CYS A 86 -12.26 14.34 5.88
C CYS A 86 -11.64 13.08 5.27
N SER A 87 -10.99 13.27 4.17
CA SER A 87 -10.18 12.20 3.66
C SER A 87 -8.77 12.17 4.31
N VAL A 88 -8.34 10.97 4.65
CA VAL A 88 -7.07 10.73 5.36
C VAL A 88 -5.98 10.11 4.49
N CYS A 89 -6.27 8.94 3.92
CA CYS A 89 -5.33 8.34 2.95
C CYS A 89 -6.05 7.44 1.90
N ALA A 90 -5.28 6.86 0.95
CA ALA A 90 -5.80 6.08 -0.12
C ALA A 90 -4.90 4.93 -0.50
N THR A 91 -5.56 3.82 -0.84
CA THR A 91 -4.94 2.66 -1.51
C THR A 91 -5.24 2.79 -2.99
N ILE A 92 -4.24 2.84 -3.84
CA ILE A 92 -4.38 2.95 -5.27
C ILE A 92 -3.93 1.64 -6.00
N VAL A 93 -4.72 1.19 -6.97
CA VAL A 93 -4.27 0.22 -7.90
C VAL A 93 -4.30 0.71 -9.31
N VAL A 94 -3.18 0.64 -10.05
CA VAL A 94 -3.08 1.30 -11.35
C VAL A 94 -2.39 0.30 -12.33
N ALA A 95 -2.87 0.28 -13.56
CA ALA A 95 -2.36 -0.56 -14.68
C ALA A 95 -2.37 0.32 -15.91
N SER A 96 -1.48 0.00 -16.80
CA SER A 96 -1.33 0.82 -18.02
C SER A 96 -0.85 0.01 -19.22
N ASP A 97 -1.26 0.51 -20.35
CA ASP A 97 -0.75 0.12 -21.63
C ASP A 97 -0.21 1.43 -22.26
N ASP A 98 1.13 1.68 -22.25
CA ASP A 98 2.18 0.76 -21.75
C ASP A 98 2.80 1.13 -20.42
N ALA A 99 2.75 2.42 -20.04
CA ALA A 99 3.45 2.87 -18.86
C ALA A 99 2.82 4.07 -18.24
N HIS A 100 3.09 4.29 -16.96
CA HIS A 100 2.51 5.46 -16.33
C HIS A 100 3.41 6.07 -15.27
N THR A 101 3.09 7.31 -14.93
CA THR A 101 3.60 7.95 -13.75
C THR A 101 2.41 8.53 -13.05
N PHE A 102 2.35 8.31 -11.75
CA PHE A 102 1.24 8.68 -10.90
C PHE A 102 1.64 9.78 -9.92
N TYR A 103 0.85 10.86 -9.90
CA TYR A 103 1.00 12.02 -9.03
C TYR A 103 -0.24 12.30 -8.22
N VAL A 104 -0.02 12.69 -6.96
CA VAL A 104 -1.02 13.13 -6.05
C VAL A 104 -0.64 14.54 -5.49
N ASN A 105 -1.50 15.53 -5.73
CA ASN A 105 -1.32 16.96 -5.26
C ASN A 105 0.07 17.45 -5.63
N GLY A 106 0.52 17.07 -6.83
CA GLY A 106 1.77 17.53 -7.38
C GLY A 106 2.95 16.64 -7.16
N VAL A 107 2.83 15.63 -6.29
CA VAL A 107 3.95 14.78 -5.90
C VAL A 107 3.94 13.42 -6.62
N ARG A 108 5.04 13.03 -7.24
CA ARG A 108 5.21 11.72 -7.81
C ARG A 108 5.28 10.64 -6.71
N ILE A 109 4.35 9.69 -6.78
CA ILE A 109 4.02 8.61 -5.85
C ILE A 109 4.57 7.33 -6.46
N GLY A 110 4.63 7.23 -7.79
CA GLY A 110 5.08 5.97 -8.45
C GLY A 110 5.10 5.99 -9.95
N THR A 111 5.82 5.01 -10.46
CA THR A 111 6.06 4.78 -11.81
C THR A 111 5.84 3.29 -12.07
N GLY A 112 5.23 2.94 -13.19
CA GLY A 112 4.89 1.53 -13.49
C GLY A 112 4.59 1.32 -14.95
N ALA A 113 4.13 0.11 -15.27
CA ALA A 113 3.92 -0.35 -16.58
C ALA A 113 3.18 -1.63 -16.59
N GLY A 114 2.45 -1.84 -17.68
CA GLY A 114 1.85 -3.15 -18.00
C GLY A 114 0.38 -3.23 -17.56
N PHE A 115 -0.37 -4.05 -18.28
CA PHE A 115 -1.84 -4.17 -18.12
C PHE A 115 -2.29 -5.50 -17.55
N ARG A 116 -1.40 -6.45 -17.45
CA ARG A 116 -1.70 -7.72 -16.92
C ARG A 116 -1.81 -7.74 -15.46
N GLN A 117 -1.07 -6.90 -14.79
CA GLN A 117 -1.09 -6.84 -13.35
C GLN A 117 -1.05 -5.37 -12.90
N GLY A 118 -1.94 -5.04 -11.94
CA GLY A 118 -1.88 -3.72 -11.33
C GLY A 118 -0.65 -3.52 -10.43
N GLN A 119 -0.39 -2.27 -10.18
CA GLN A 119 0.58 -1.80 -9.21
C GLN A 119 -0.17 -1.13 -8.01
N ALA A 120 0.21 -1.50 -6.81
CA ALA A 120 -0.22 -0.92 -5.52
C ALA A 120 0.56 0.31 -5.15
N LEU A 121 -0.13 1.41 -4.87
CA LEU A 121 0.51 2.59 -4.25
C LEU A 121 -0.35 3.05 -3.09
N PHE A 122 0.30 3.70 -2.11
CA PHE A 122 -0.31 4.18 -0.83
C PHE A 122 0.06 5.63 -0.70
N VAL A 123 -0.89 6.48 -0.32
CA VAL A 123 -0.59 7.91 -0.24
C VAL A 123 -1.46 8.60 0.80
N ALA A 124 -0.86 9.53 1.55
CA ALA A 124 -1.64 10.38 2.46
C ALA A 124 -2.38 11.46 1.61
N LEU A 125 -3.50 11.88 2.08
CA LEU A 125 -4.30 12.86 1.34
C LEU A 125 -4.53 14.17 2.13
N GLN A 126 -4.80 15.26 1.40
CA GLN A 126 -5.43 16.48 1.91
C GLN A 126 -6.88 16.21 2.34
N PRO A 127 -7.39 16.98 3.30
CA PRO A 127 -8.66 16.56 3.91
C PRO A 127 -9.92 16.78 3.05
N THR A 128 -9.92 17.76 2.15
CA THR A 128 -11.19 18.04 1.44
C THR A 128 -11.14 17.87 -0.08
N TRP A 129 -10.02 18.14 -0.70
CA TRP A 129 -9.87 17.79 -2.07
C TRP A 129 -8.44 17.27 -2.34
N ASN A 130 -8.34 16.49 -3.42
CA ASN A 130 -7.10 15.85 -3.87
C ASN A 130 -7.04 15.79 -5.37
N LEU A 131 -5.99 16.36 -5.96
CA LEU A 131 -5.76 16.27 -7.33
C LEU A 131 -4.89 15.04 -7.69
N PHE A 132 -5.48 14.10 -8.42
CA PHE A 132 -4.81 12.92 -8.99
C PHE A 132 -4.43 13.20 -10.41
N ALA A 133 -3.21 12.85 -10.79
CA ALA A 133 -2.77 13.10 -12.14
C ALA A 133 -1.89 11.98 -12.59
N ILE A 134 -2.01 11.62 -13.86
CA ILE A 134 -1.31 10.47 -14.36
C ILE A 134 -0.80 10.86 -15.71
N ALA A 135 0.45 10.54 -15.96
CA ALA A 135 1.03 10.66 -17.30
C ALA A 135 1.12 9.26 -17.86
N GLY A 136 0.46 8.98 -19.02
CA GLY A 136 0.45 7.64 -19.57
C GLY A 136 1.24 7.70 -20.84
N GLN A 137 1.86 6.60 -21.22
CA GLN A 137 2.61 6.50 -22.43
C GLN A 137 2.25 5.26 -23.20
N ASN A 138 1.99 5.49 -24.47
CA ASN A 138 1.99 4.45 -25.42
C ASN A 138 3.39 4.33 -26.07
N LEU A 139 3.95 3.14 -25.99
CA LEU A 139 5.35 2.91 -26.41
C LEU A 139 5.45 2.10 -27.68
N VAL A 140 4.36 1.50 -28.18
CA VAL A 140 4.44 0.71 -29.39
C VAL A 140 3.51 1.32 -30.43
N ALA A 141 4.02 1.47 -31.63
CA ALA A 141 3.23 2.08 -32.71
C ALA A 141 2.08 1.20 -33.12
N ASN A 142 0.95 1.85 -33.47
CA ASN A 142 -0.26 1.16 -33.91
C ASN A 142 -0.86 0.20 -32.84
N SER A 143 -0.62 0.44 -31.58
CA SER A 143 -1.05 -0.49 -30.58
C SER A 143 -2.09 0.23 -29.69
N PRO A 144 -2.86 -0.52 -28.91
CA PRO A 144 -3.79 0.18 -28.05
C PRO A 144 -3.12 0.93 -26.94
N ALA A 145 -3.83 1.87 -26.34
CA ALA A 145 -3.31 2.66 -25.27
C ALA A 145 -4.35 2.90 -24.22
N GLY A 146 -3.91 2.94 -22.97
CA GLY A 146 -4.87 3.13 -21.91
C GLY A 146 -4.31 3.03 -20.53
N ILE A 147 -5.06 3.61 -19.59
CA ILE A 147 -4.71 3.75 -18.18
C ILE A 147 -5.94 3.34 -17.40
N MET A 148 -5.78 2.59 -16.34
CA MET A 148 -6.87 2.20 -15.50
C MET A 148 -6.40 2.33 -14.04
N ALA A 149 -7.24 2.95 -13.26
CA ALA A 149 -6.97 2.97 -11.80
C ALA A 149 -8.16 2.89 -10.92
N SER A 150 -7.93 2.47 -9.70
CA SER A 150 -8.89 2.55 -8.63
C SER A 150 -8.18 3.20 -7.42
N ILE A 151 -8.91 4.09 -6.79
CA ILE A 151 -8.50 4.90 -5.65
C ILE A 151 -9.46 4.68 -4.53
N LEU A 152 -9.09 3.84 -3.56
CA LEU A 152 -9.89 3.64 -2.40
C LEU A 152 -9.51 4.67 -1.28
N VAL A 153 -10.37 5.66 -1.04
CA VAL A 153 -10.14 6.74 -0.12
C VAL A 153 -10.67 6.36 1.23
N HIS A 154 -9.83 6.36 2.27
CA HIS A 154 -10.33 6.16 3.65
C HIS A 154 -10.61 7.55 4.30
N PHE A 155 -11.77 7.65 4.89
CA PHE A 155 -12.24 8.89 5.53
C PHE A 155 -12.02 8.84 7.06
N SER A 156 -11.99 10.03 7.69
CA SER A 156 -11.85 10.20 9.19
C SER A 156 -12.74 9.42 10.06
N ASP A 157 -13.95 9.21 9.60
CA ASP A 157 -14.94 8.45 10.35
C ASP A 157 -14.90 6.99 10.15
N GLY A 158 -13.92 6.46 9.39
CA GLY A 158 -13.90 4.98 9.29
C GLY A 158 -14.62 4.43 8.06
N THR A 159 -15.21 5.27 7.21
CA THR A 159 -15.75 4.79 5.98
C THR A 159 -14.75 4.96 4.83
N SER A 160 -15.16 4.51 3.66
CA SER A 160 -14.34 4.41 2.46
C SER A 160 -15.16 4.61 1.25
N GLU A 161 -14.59 5.13 0.19
CA GLU A 161 -15.21 5.10 -1.09
C GLU A 161 -14.15 4.93 -2.19
N THR A 162 -14.49 4.16 -3.24
CA THR A 162 -13.71 3.98 -4.44
C THR A 162 -14.01 4.94 -5.52
N PHE A 163 -12.97 5.56 -6.04
CA PHE A 163 -13.02 6.43 -7.19
C PHE A 163 -12.20 5.78 -8.29
N VAL A 164 -12.59 6.00 -9.55
CA VAL A 164 -12.02 5.30 -10.68
C VAL A 164 -11.67 6.21 -11.75
N THR A 165 -10.82 5.71 -12.63
CA THR A 165 -10.64 6.37 -13.95
C THR A 165 -11.91 6.19 -14.82
N ASP A 166 -12.31 7.25 -15.48
CA ASP A 166 -13.51 7.26 -16.33
C ASP A 166 -13.60 8.54 -17.10
N GLU A 167 -14.70 8.70 -17.82
CA GLU A 167 -14.90 9.84 -18.71
C GLU A 167 -14.93 11.20 -17.95
N SER A 168 -15.06 11.20 -16.63
CA SER A 168 -15.03 12.50 -15.90
C SER A 168 -13.56 13.04 -15.71
N TRP A 169 -12.52 12.24 -16.03
CA TRP A 169 -11.17 12.72 -15.90
C TRP A 169 -10.95 13.63 -17.06
N LYS A 170 -10.04 14.60 -16.95
CA LYS A 170 -9.57 15.44 -18.08
C LYS A 170 -8.25 15.00 -18.69
N THR A 171 -8.07 15.32 -19.96
CA THR A 171 -6.93 14.98 -20.73
C THR A 171 -6.63 16.04 -21.78
N LEU A 172 -5.59 15.80 -22.59
CA LEU A 172 -5.28 16.63 -23.75
C LEU A 172 -4.89 15.73 -24.87
N ARG A 173 -5.06 16.19 -26.11
CA ARG A 173 -4.60 15.42 -27.30
C ARG A 173 -3.21 15.88 -27.65
N ALA A 174 -2.33 15.93 -26.66
CA ALA A 174 -1.01 16.53 -26.83
C ALA A 174 -0.16 16.12 -25.66
N ALA A 175 1.16 16.21 -25.80
CA ALA A 175 2.09 15.88 -24.73
C ALA A 175 1.77 16.72 -23.49
N PRO A 176 1.99 16.13 -22.30
CA PRO A 176 1.66 16.93 -21.12
C PRO A 176 2.47 18.25 -21.02
N PRO A 177 1.79 19.40 -20.79
CA PRO A 177 2.47 20.66 -20.45
C PRO A 177 3.39 20.53 -19.23
N GLU A 178 4.33 21.46 -19.14
CA GLU A 178 5.19 21.62 -17.98
C GLU A 178 4.23 21.83 -16.82
N ASN A 179 4.42 21.00 -15.79
CA ASN A 179 3.64 21.09 -14.56
C ASN A 179 2.12 20.78 -14.68
N PHE A 180 1.77 19.88 -15.60
CA PHE A 180 0.35 19.43 -15.73
C PHE A 180 -0.16 18.83 -14.43
N GLN A 181 0.74 18.21 -13.63
CA GLN A 181 0.34 17.57 -12.45
C GLN A 181 0.09 18.44 -11.26
N LEU A 182 0.53 19.70 -11.28
CA LEU A 182 0.37 20.57 -10.11
C LEU A 182 -1.02 21.13 -10.04
N PRO A 183 -1.55 21.30 -8.84
CA PRO A 183 -2.85 21.93 -8.64
C PRO A 183 -3.02 23.34 -9.22
N SER A 184 -1.92 24.06 -9.32
CA SER A 184 -1.98 25.37 -9.85
C SER A 184 -2.27 25.39 -11.39
N THR A 185 -1.98 24.34 -12.18
CA THR A 185 -2.46 24.26 -13.56
C THR A 185 -4.00 24.22 -13.65
N ASN A 186 -4.59 25.08 -14.51
CA ASN A 186 -6.07 25.20 -14.75
C ASN A 186 -6.34 24.17 -15.85
N ASP A 187 -7.19 23.17 -15.54
CA ASP A 187 -7.61 22.12 -16.51
C ASP A 187 -9.05 22.40 -17.05
N SER A 188 -9.54 23.64 -16.96
CA SER A 188 -10.96 23.92 -17.27
C SER A 188 -11.41 23.71 -18.74
N ASN A 189 -10.51 24.02 -19.66
CA ASN A 189 -10.67 23.79 -21.07
C ASN A 189 -10.13 22.47 -21.58
N TRP A 190 -9.68 21.60 -20.69
CA TRP A 190 -9.18 20.32 -21.17
C TRP A 190 -10.44 19.49 -21.62
N PRO A 191 -10.33 18.68 -22.69
CA PRO A 191 -11.39 17.68 -22.98
C PRO A 191 -11.44 16.54 -21.97
N SER A 192 -12.60 15.90 -21.98
CA SER A 192 -12.89 14.77 -21.22
C SER A 192 -12.12 13.57 -21.78
N ALA A 193 -11.78 12.62 -20.92
CA ALA A 193 -11.00 11.45 -21.33
C ALA A 193 -11.95 10.51 -22.09
N ALA A 194 -11.45 9.69 -22.99
CA ALA A 194 -12.29 8.77 -23.69
C ALA A 194 -12.09 7.36 -23.13
N VAL A 195 -13.23 6.68 -22.80
CA VAL A 195 -13.21 5.36 -22.32
C VAL A 195 -12.78 4.35 -23.35
N GLN A 196 -11.82 3.47 -23.00
CA GLN A 196 -11.29 2.47 -23.95
C GLN A 196 -11.83 1.13 -23.69
N GLY A 197 -12.46 0.93 -22.57
CA GLY A 197 -12.85 -0.40 -22.21
C GLY A 197 -13.18 -0.39 -20.72
N ALA A 198 -13.78 -1.49 -20.26
CA ALA A 198 -14.16 -1.70 -18.89
C ALA A 198 -13.42 -2.90 -18.33
N TYR A 199 -13.61 -3.16 -17.05
CA TYR A 199 -12.83 -4.22 -16.42
C TYR A 199 -12.98 -5.59 -17.12
N GLN A 200 -14.19 -5.94 -17.41
CA GLN A 200 -14.55 -7.23 -18.00
C GLN A 200 -14.64 -7.12 -19.49
N ASN A 201 -14.85 -5.97 -20.05
CA ASN A 201 -15.07 -5.87 -21.48
C ASN A 201 -14.04 -4.89 -22.05
N SER A 202 -12.88 -5.40 -22.47
CA SER A 202 -11.85 -4.54 -23.10
C SER A 202 -10.85 -5.47 -23.83
N VAL A 203 -9.99 -4.85 -24.61
CA VAL A 203 -8.96 -5.55 -25.29
C VAL A 203 -7.98 -6.17 -24.35
N TRP A 204 -7.84 -5.60 -23.16
CA TRP A 204 -6.84 -6.03 -22.17
C TRP A 204 -7.28 -7.20 -21.32
N GLY A 205 -8.54 -7.38 -21.09
CA GLY A 205 -8.93 -8.35 -20.09
C GLY A 205 -8.63 -7.79 -18.64
N PRO A 206 -9.04 -8.55 -17.65
CA PRO A 206 -9.06 -7.96 -16.29
C PRO A 206 -7.70 -8.03 -15.64
N PRO A 207 -7.10 -6.89 -15.24
CA PRO A 207 -5.77 -7.01 -14.62
C PRO A 207 -5.84 -7.75 -13.27
N VAL A 208 -4.80 -8.52 -12.98
CA VAL A 208 -4.69 -9.27 -11.73
C VAL A 208 -4.26 -8.22 -10.67
N LEU A 209 -4.86 -8.28 -9.48
CA LEU A 209 -4.49 -7.41 -8.39
C LEU A 209 -3.11 -7.88 -7.85
N PRO A 210 -2.21 -6.96 -7.56
CA PRO A 210 -0.94 -7.33 -6.89
C PRO A 210 -1.15 -7.67 -5.45
N PRO A 211 -0.17 -8.27 -4.83
CA PRO A 211 -0.27 -8.38 -3.36
C PRO A 211 -0.28 -6.97 -2.64
N VAL A 212 -0.95 -6.87 -1.51
CA VAL A 212 -1.02 -5.58 -0.75
C VAL A 212 0.37 -4.99 -0.52
N LEU A 213 1.31 -5.84 -0.06
CA LEU A 213 2.66 -5.48 0.12
C LEU A 213 3.51 -6.73 -0.20
N PRO A 214 4.77 -6.49 -0.51
CA PRO A 214 5.65 -7.68 -0.81
C PRO A 214 6.23 -8.29 0.52
N LEU A 215 6.42 -9.60 0.57
CA LEU A 215 7.23 -10.26 1.59
C LEU A 215 8.64 -10.41 1.13
N ARG A 216 8.85 -10.49 -0.15
CA ARG A 216 10.16 -10.46 -0.78
C ARG A 216 10.79 -9.20 -0.23
N GLY A 217 12.03 -9.22 0.23
CA GLY A 217 12.52 -7.98 0.93
C GLY A 217 12.50 -8.08 2.47
N SER A 218 11.60 -8.88 3.11
CA SER A 218 11.57 -9.11 4.53
C SER A 218 12.24 -10.42 4.90
N ASN A 219 12.30 -10.66 6.19
CA ASN A 219 13.07 -11.73 6.79
C ASN A 219 12.26 -12.37 7.82
N TRP A 220 12.34 -13.71 7.86
CA TRP A 220 11.78 -14.42 9.03
C TRP A 220 12.74 -14.18 10.19
N ILE A 221 12.19 -13.72 11.32
CA ILE A 221 13.02 -13.42 12.49
C ILE A 221 12.57 -14.23 13.63
N TRP A 222 13.52 -14.35 14.54
CA TRP A 222 13.15 -14.83 15.87
C TRP A 222 14.24 -14.37 16.85
N THR A 223 14.00 -14.81 18.04
CA THR A 223 14.92 -14.83 19.16
C THR A 223 16.04 -15.83 18.85
N SER A 224 17.20 -15.56 19.42
CA SER A 224 18.50 -16.27 19.29
C SER A 224 18.63 -17.76 19.61
N ASP A 225 17.79 -18.13 20.52
CA ASP A 225 17.09 -19.36 20.63
C ASP A 225 16.90 -20.39 19.48
N ASN A 226 16.59 -19.87 18.28
CA ASN A 226 16.22 -20.62 17.08
C ASN A 226 17.56 -20.98 16.43
N VAL A 227 18.01 -22.24 16.63
CA VAL A 227 19.34 -22.67 16.15
C VAL A 227 19.51 -23.71 15.05
N ASN A 228 18.80 -24.81 15.07
CA ASN A 228 19.19 -25.79 13.93
C ASN A 228 17.99 -26.23 13.17
N GLY A 229 17.32 -25.20 12.62
CA GLY A 229 15.93 -25.37 12.16
C GLY A 229 14.94 -25.42 13.29
N ALA A 230 15.51 -25.14 14.51
CA ALA A 230 15.05 -24.94 15.97
C ALA A 230 13.65 -25.06 16.22
N ALA A 231 12.97 -24.21 17.04
CA ALA A 231 13.35 -23.46 18.32
C ALA A 231 12.45 -23.91 19.45
N PRO A 232 12.74 -23.46 20.71
CA PRO A 232 11.92 -23.94 21.84
C PRO A 232 10.46 -23.55 21.76
N VAL A 233 9.68 -24.24 22.55
CA VAL A 233 8.27 -23.96 22.69
C VAL A 233 7.79 -22.62 23.33
N GLY A 234 8.54 -21.71 23.85
CA GLY A 234 7.73 -20.43 24.21
C GLY A 234 7.01 -19.35 23.32
N SER A 235 6.55 -18.30 23.99
CA SER A 235 6.24 -17.01 23.40
C SER A 235 7.43 -16.10 23.44
N ARG A 236 7.56 -15.27 22.42
CA ARG A 236 8.65 -14.33 22.28
C ARG A 236 8.10 -13.03 21.77
N ALA A 237 8.78 -11.94 22.11
CA ALA A 237 8.24 -10.65 21.76
C ALA A 237 9.26 -9.94 20.93
N PHE A 238 8.74 -9.09 20.05
CA PHE A 238 9.54 -8.30 19.13
C PHE A 238 8.99 -6.86 19.08
N ARG A 239 9.87 -5.90 18.82
CA ARG A 239 9.54 -4.47 18.88
C ARG A 239 10.28 -3.73 17.86
N LYS A 240 9.51 -2.86 17.17
CA LYS A 240 10.15 -1.92 16.28
C LYS A 240 9.46 -0.57 16.43
N THR A 241 10.29 0.49 16.45
CA THR A 241 9.85 1.88 16.59
C THR A 241 10.18 2.66 15.39
N VAL A 242 9.22 3.41 14.87
CA VAL A 242 9.58 4.35 13.80
C VAL A 242 9.31 5.79 14.32
N ASN A 243 10.23 6.71 14.03
CA ASN A 243 10.18 8.03 14.64
C ASN A 243 10.93 8.98 13.81
N GLN A 244 10.22 9.59 12.88
CA GLN A 244 10.80 10.61 11.99
C GLN A 244 10.26 11.96 12.50
N CYS A 245 10.99 12.61 13.40
CA CYS A 245 10.35 13.75 14.18
C CYS A 245 10.15 15.00 13.30
N THR A 246 10.71 15.05 12.08
CA THR A 246 10.46 16.16 11.20
C THR A 246 9.32 15.92 10.15
N LYS A 247 8.52 14.87 10.30
CA LYS A 247 7.48 14.56 9.28
C LYS A 247 6.25 14.27 10.02
N VAL A 248 5.16 14.07 9.31
CA VAL A 248 3.89 13.77 9.90
C VAL A 248 3.43 12.46 9.22
N ALA A 249 3.40 11.41 10.00
CA ALA A 249 2.98 10.10 9.68
C ALA A 249 1.45 10.11 9.67
N VAL A 250 0.84 9.41 8.71
CA VAL A 250 -0.62 9.37 8.60
C VAL A 250 -1.19 7.97 8.73
N CYS A 251 -0.92 7.02 7.82
CA CYS A 251 -1.52 5.65 7.93
C CYS A 251 -0.39 4.63 7.79
N ALA A 252 -0.64 3.46 8.29
CA ALA A 252 0.28 2.37 8.13
C ALA A 252 -0.50 1.15 7.63
N THR A 253 0.17 0.30 6.85
CA THR A 253 -0.42 -0.96 6.45
C THR A 253 0.56 -2.04 6.86
N VAL A 254 0.04 -3.11 7.41
CA VAL A 254 0.92 -4.08 7.98
C VAL A 254 0.55 -5.43 7.40
N LEU A 255 1.55 -6.14 6.90
CA LEU A 255 1.38 -7.50 6.42
C LEU A 255 2.19 -8.41 7.31
N ILE A 256 1.59 -9.49 7.84
CA ILE A 256 2.33 -10.27 8.78
C ILE A 256 1.93 -11.74 8.80
N ALA A 257 2.86 -12.57 9.21
CA ALA A 257 2.54 -13.98 9.44
C ALA A 257 3.56 -14.56 10.43
N ALA A 258 3.18 -15.62 11.08
CA ALA A 258 4.13 -16.25 11.93
C ALA A 258 3.96 -17.78 12.02
N ASP A 259 5.05 -18.42 12.27
CA ASP A 259 4.99 -19.80 12.68
C ASP A 259 5.23 -19.87 14.22
N ASP A 260 4.27 -20.28 15.04
CA ASP A 260 2.86 -20.69 14.74
C ASP A 260 2.18 -19.46 15.10
N ARG A 261 0.98 -19.17 14.85
CA ARG A 261 0.61 -17.81 15.72
C ARG A 261 1.33 -16.40 16.25
N TYR A 262 0.56 -15.28 16.24
CA TYR A 262 1.09 -13.98 16.66
C TYR A 262 -0.10 -13.17 17.13
N THR A 263 0.24 -12.19 17.95
CA THR A 263 -0.65 -11.08 18.24
C THR A 263 0.13 -9.78 18.05
N LEU A 264 -0.51 -8.82 17.41
CA LEU A 264 0.16 -7.64 16.93
C LEU A 264 -0.47 -6.39 17.63
N TYR A 265 0.39 -5.46 18.01
CA TYR A 265 0.03 -4.24 18.80
C TYR A 265 0.69 -3.11 18.14
N VAL A 266 0.00 -2.01 18.06
CA VAL A 266 0.56 -0.72 17.56
C VAL A 266 0.25 0.34 18.63
N ASN A 267 1.32 1.00 19.11
CA ASN A 267 1.23 2.09 20.14
C ASN A 267 0.46 1.57 21.34
N GLY A 268 0.73 0.33 21.75
CA GLY A 268 0.02 -0.37 22.81
C GLY A 268 -1.37 -0.94 22.58
N ALA A 269 -2.06 -0.59 21.53
CA ALA A 269 -3.43 -1.15 21.31
C ALA A 269 -3.34 -2.47 20.42
N THR A 270 -4.16 -3.44 20.74
CA THR A 270 -4.33 -4.67 20.01
C THR A 270 -4.84 -4.38 18.59
N VAL A 271 -4.11 -4.85 17.57
CA VAL A 271 -4.54 -4.69 16.19
C VAL A 271 -5.18 -6.01 15.67
N GLY A 272 -4.57 -7.16 15.92
CA GLY A 272 -5.17 -8.39 15.52
C GLY A 272 -4.26 -9.55 15.83
N SER A 273 -4.70 -10.75 15.44
CA SER A 273 -3.86 -11.89 15.60
C SER A 273 -4.10 -12.97 14.53
N GLY A 274 -3.18 -13.91 14.40
CA GLY A 274 -3.34 -14.96 13.45
C GLY A 274 -2.64 -16.16 13.92
N SER A 275 -2.83 -17.26 13.18
CA SER A 275 -2.29 -18.56 13.50
C SER A 275 -1.89 -19.44 12.29
N SER A 276 -1.57 -18.79 11.20
CA SER A 276 -1.12 -19.39 9.97
C SER A 276 0.19 -18.83 9.47
N TYR A 277 1.10 -19.74 9.19
CA TYR A 277 2.28 -19.46 8.46
C TYR A 277 2.18 -19.71 6.95
N THR A 278 0.98 -20.01 6.42
CA THR A 278 0.84 -20.13 4.95
C THR A 278 -0.16 -19.08 4.36
N VAL A 279 -0.97 -18.43 5.19
CA VAL A 279 -1.85 -17.33 4.77
C VAL A 279 -1.55 -16.16 5.69
N ALA A 280 -1.05 -15.08 5.11
CA ALA A 280 -0.71 -13.88 5.81
C ALA A 280 -1.89 -12.98 6.03
N ASP A 281 -1.83 -12.18 7.10
CA ASP A 281 -2.92 -11.17 7.42
C ASP A 281 -2.39 -9.74 7.15
N ALA A 282 -3.27 -8.90 6.73
CA ALA A 282 -2.92 -7.54 6.43
C ALA A 282 -3.83 -6.63 7.26
N TYR A 283 -3.27 -5.53 7.77
CA TYR A 283 -4.07 -4.60 8.62
C TYR A 283 -3.83 -3.19 8.23
N THR A 284 -4.84 -2.35 8.44
CA THR A 284 -4.74 -0.91 8.16
C THR A 284 -4.83 -0.24 9.53
N ILE A 285 -3.95 0.74 9.74
CA ILE A 285 -3.88 1.58 10.92
C ILE A 285 -4.05 3.02 10.45
N PRO A 286 -5.26 3.50 10.49
CA PRO A 286 -5.55 4.81 9.96
C PRO A 286 -5.30 6.01 10.94
N ASN A 287 -4.98 5.72 12.20
CA ASN A 287 -4.98 6.74 13.32
C ASN A 287 -3.59 6.72 13.95
N LEU A 288 -2.59 6.73 13.11
CA LEU A 288 -1.22 6.77 13.59
C LEU A 288 -0.94 8.10 14.41
N HIS A 289 -0.05 7.98 15.39
CA HIS A 289 0.61 9.15 15.96
C HIS A 289 1.44 9.87 14.90
N PRO A 290 1.50 11.21 14.91
CA PRO A 290 2.27 11.93 13.90
C PRO A 290 3.74 11.72 13.82
N THR A 291 4.40 11.36 14.91
CA THR A 291 5.86 11.25 14.84
C THR A 291 6.47 10.00 15.38
N PHE A 292 5.78 9.26 16.23
CA PHE A 292 6.38 8.22 16.95
C PHE A 292 5.40 7.09 16.98
N ASN A 293 5.79 5.93 16.42
CA ASN A 293 4.90 4.79 16.48
C ASN A 293 5.67 3.49 16.73
N THR A 294 5.07 2.65 17.53
CA THR A 294 5.69 1.47 17.96
C THR A 294 4.85 0.22 17.58
N PHE A 295 5.51 -0.77 17.00
CA PHE A 295 4.87 -1.99 16.51
C PHE A 295 5.45 -3.05 17.39
N ALA A 296 4.59 -3.86 17.97
CA ALA A 296 5.07 -4.90 18.80
C ALA A 296 4.27 -6.21 18.55
N ILE A 297 4.96 -7.34 18.71
CA ILE A 297 4.42 -8.65 18.37
C ILE A 297 4.75 -9.62 19.50
N ASN A 298 3.75 -10.33 19.96
CA ASN A 298 3.96 -11.52 20.77
C ASN A 298 3.69 -12.71 19.78
N ALA A 299 4.74 -13.43 19.46
CA ALA A 299 4.64 -14.62 18.61
C ALA A 299 4.98 -15.85 19.38
N THR A 300 4.21 -16.91 19.13
CA THR A 300 4.35 -18.14 19.87
C THR A 300 4.75 -19.36 18.98
N ASN A 301 5.77 -20.10 19.40
CA ASN A 301 6.11 -21.37 18.82
C ASN A 301 5.42 -22.54 19.56
N GLY A 302 4.55 -23.26 18.87
CA GLY A 302 3.94 -24.50 19.36
C GLY A 302 4.84 -25.74 19.30
N GLY A 303 5.96 -25.62 18.60
CA GLY A 303 6.99 -26.63 18.51
C GLY A 303 7.46 -26.69 17.07
N GLY A 304 8.75 -26.98 16.91
CA GLY A 304 9.37 -27.10 15.62
C GLY A 304 10.07 -25.81 15.22
N PRO A 305 10.21 -25.56 13.89
CA PRO A 305 10.79 -24.30 13.38
C PRO A 305 9.91 -23.18 13.83
N ALA A 306 10.45 -21.96 13.88
CA ALA A 306 9.59 -20.82 14.26
C ALA A 306 10.05 -19.59 13.61
N GLY A 307 9.14 -18.63 13.46
CA GLY A 307 9.57 -17.33 12.84
C GLY A 307 8.44 -16.38 12.78
N VAL A 308 8.77 -15.08 12.72
CA VAL A 308 7.73 -14.10 12.37
C VAL A 308 8.26 -13.25 11.26
N ILE A 309 7.37 -12.87 10.35
CA ILE A 309 7.75 -12.07 9.22
C ILE A 309 6.73 -10.99 9.00
N ALA A 310 7.21 -9.79 8.67
CA ALA A 310 6.27 -8.67 8.42
C ALA A 310 6.83 -7.60 7.51
N THR A 311 5.91 -6.88 6.84
CA THR A 311 6.30 -5.72 6.04
C THR A 311 5.35 -4.65 6.45
N ILE A 312 5.86 -3.42 6.61
CA ILE A 312 5.03 -2.30 7.09
C ILE A 312 5.29 -1.12 6.20
N LEU A 313 4.25 -0.47 5.72
CA LEU A 313 4.41 0.73 4.93
C LEU A 313 3.72 1.86 5.70
N ILE A 314 4.44 2.97 5.88
CA ILE A 314 3.90 4.13 6.55
C ILE A 314 3.85 5.27 5.55
N THR A 315 2.70 5.91 5.45
CA THR A 315 2.59 7.10 4.60
C THR A 315 2.75 8.44 5.38
N TYR A 316 3.40 9.39 4.74
CA TYR A 316 3.58 10.73 5.34
C TYR A 316 2.83 11.84 4.59
N SER A 317 2.49 12.93 5.29
CA SER A 317 1.67 14.04 4.70
C SER A 317 2.31 14.72 3.56
N ASP A 318 3.60 14.61 3.38
CA ASP A 318 4.19 15.24 2.22
C ASP A 318 4.14 14.35 0.95
N GLY A 319 3.45 13.21 1.02
CA GLY A 319 3.41 12.26 -0.10
C GLY A 319 4.44 11.15 -0.15
N SER A 320 5.42 11.22 0.73
CA SER A 320 6.47 10.22 0.77
C SER A 320 5.94 9.08 1.63
N ASN A 321 6.70 8.02 1.66
CA ASN A 321 6.35 6.86 2.47
C ASN A 321 7.66 6.18 2.95
N GLU A 322 7.49 5.23 3.83
CA GLU A 322 8.59 4.38 4.16
C GLU A 322 8.16 2.95 4.48
N THR A 323 9.08 2.07 4.17
CA THR A 323 8.89 0.64 4.42
C THR A 323 9.82 0.13 5.46
N VAL A 324 9.27 -0.60 6.39
CA VAL A 324 10.06 -1.28 7.39
C VAL A 324 9.78 -2.76 7.21
N VAL A 325 10.78 -3.56 7.43
CA VAL A 325 10.61 -5.01 7.38
C VAL A 325 11.20 -5.69 8.59
N THR A 326 10.67 -6.87 8.97
CA THR A 326 11.36 -7.69 9.94
C THR A 326 12.80 -7.95 9.51
N ASP A 327 13.70 -7.58 10.42
CA ASP A 327 15.12 -7.74 10.23
C ASP A 327 15.84 -7.62 11.62
N ALA A 328 17.16 -7.45 11.60
CA ALA A 328 17.97 -7.43 12.82
C ALA A 328 17.88 -6.07 13.59
N SER A 329 17.26 -5.02 13.02
CA SER A 329 16.99 -3.77 13.74
C SER A 329 15.87 -3.92 14.64
N TRP A 330 15.14 -5.03 14.58
CA TRP A 330 14.09 -5.23 15.55
C TRP A 330 14.72 -5.74 16.85
N LYS A 331 14.04 -5.57 17.95
CA LYS A 331 14.51 -5.99 19.22
C LYS A 331 13.65 -7.14 19.59
N ALA A 332 14.19 -8.07 20.37
CA ALA A 332 13.45 -9.28 20.71
C ALA A 332 13.75 -9.70 22.14
N ILE A 333 12.88 -10.47 22.76
CA ILE A 333 13.20 -10.99 24.07
C ILE A 333 12.59 -12.37 24.31
N GLN A 334 13.31 -13.19 25.08
CA GLN A 334 12.87 -14.61 25.30
C GLN A 334 11.82 -14.79 26.32
N THR A 335 11.86 -13.97 27.38
CA THR A 335 10.80 -13.99 28.41
C THR A 335 10.12 -12.66 28.29
N ILE A 336 8.83 -12.69 28.03
CA ILE A 336 8.15 -11.49 27.71
C ILE A 336 7.80 -10.72 29.00
N PRO A 337 8.26 -9.48 29.16
CA PRO A 337 7.87 -8.70 30.37
C PRO A 337 6.45 -8.14 30.34
N GLN A 338 5.84 -7.84 31.51
CA GLN A 338 4.58 -7.06 31.52
C GLN A 338 4.81 -5.67 30.88
N GLY A 339 3.79 -5.22 30.18
CA GLY A 339 3.98 -4.04 29.31
C GLY A 339 4.95 -4.09 28.11
N PHE A 340 5.33 -5.31 27.60
CA PHE A 340 6.21 -5.42 26.37
C PHE A 340 5.69 -4.62 25.19
N GLN A 341 4.35 -4.53 25.09
CA GLN A 341 3.69 -3.71 24.11
C GLN A 341 3.71 -2.12 24.22
N PRO A 342 3.80 -1.49 25.47
CA PRO A 342 3.83 -0.05 25.44
C PRO A 342 4.88 0.61 24.68
N PRO A 343 4.52 1.78 24.16
CA PRO A 343 5.46 2.49 23.33
C PRO A 343 6.77 2.86 23.95
N LEU A 344 6.77 3.18 25.25
CA LEU A 344 7.95 3.83 25.79
C LEU A 344 8.79 3.06 26.81
N ILE A 345 8.64 1.74 26.87
CA ILE A 345 9.41 0.93 27.82
C ILE A 345 10.90 0.97 27.61
N ASP A 346 11.59 0.56 28.65
CA ASP A 346 13.05 0.38 28.65
C ASP A 346 13.35 -0.97 27.95
N GLU A 347 14.19 -0.90 26.94
CA GLU A 347 14.58 -2.04 26.12
C GLU A 347 15.90 -2.69 26.56
N PHE A 348 16.39 -2.32 27.74
CA PHE A 348 17.56 -2.95 28.29
C PHE A 348 17.27 -4.46 28.41
N GLY A 349 18.24 -5.26 27.98
CA GLY A 349 18.02 -6.75 28.02
C GLY A 349 17.10 -7.39 26.95
N TRP A 350 16.63 -6.58 25.97
CA TRP A 350 16.17 -7.07 24.70
C TRP A 350 17.38 -7.22 23.79
N GLU A 351 17.44 -8.28 23.01
CA GLU A 351 18.52 -8.43 21.96
C GLU A 351 18.05 -7.95 20.55
N SER A 352 18.97 -7.67 19.67
CA SER A 352 18.76 -7.73 18.24
C SER A 352 18.12 -9.03 17.83
N ALA A 353 17.06 -8.94 17.03
CA ALA A 353 16.35 -10.13 16.56
C ALA A 353 17.30 -10.86 15.63
N LYS A 354 17.17 -12.17 15.63
CA LYS A 354 17.95 -13.03 14.73
C LYS A 354 17.19 -13.26 13.38
N ILE A 355 17.86 -12.98 12.28
CA ILE A 355 17.46 -13.38 10.95
C ILE A 355 17.61 -14.90 10.79
N ILE A 356 16.46 -15.56 10.72
CA ILE A 356 16.38 -16.96 10.37
C ILE A 356 16.66 -17.20 8.86
N GLY A 357 16.00 -16.43 7.99
CA GLY A 357 16.39 -16.27 6.61
C GLY A 357 15.48 -15.23 5.88
N ALA A 358 15.88 -14.80 4.69
CA ALA A 358 15.01 -14.00 3.84
C ALA A 358 13.79 -14.77 3.42
N PHE A 359 12.73 -14.01 3.10
CA PHE A 359 11.50 -14.58 2.68
C PHE A 359 11.86 -15.54 1.50
N GLY A 360 11.26 -16.72 1.48
CA GLY A 360 11.63 -17.76 0.50
C GLY A 360 12.24 -18.99 1.11
N VAL A 361 13.06 -18.85 2.15
CA VAL A 361 13.78 -19.96 2.65
C VAL A 361 12.86 -21.07 3.13
N ALA A 362 13.38 -22.31 2.99
CA ALA A 362 12.79 -23.50 3.68
C ALA A 362 12.79 -23.21 5.19
N PRO A 363 11.86 -23.71 5.93
CA PRO A 363 10.84 -24.62 5.44
C PRO A 363 9.60 -24.00 4.88
N TRP A 364 9.43 -22.70 5.00
CA TRP A 364 8.12 -22.14 4.67
C TRP A 364 8.01 -21.90 3.16
N GLY A 365 9.11 -21.65 2.46
CA GLY A 365 9.05 -21.39 1.04
C GLY A 365 8.46 -20.01 0.68
N ALA A 366 8.08 -19.88 -0.59
CA ALA A 366 7.72 -18.64 -1.26
C ALA A 366 6.24 -18.55 -1.54
N GLY A 367 5.47 -19.51 -1.11
CA GLY A 367 4.05 -19.65 -1.49
C GLY A 367 3.02 -18.98 -0.61
N MET A 368 3.45 -18.26 0.43
CA MET A 368 2.48 -17.49 1.24
C MET A 368 1.35 -16.87 0.45
N VAL A 369 0.13 -17.11 0.81
CA VAL A 369 -0.99 -16.36 0.27
C VAL A 369 -1.04 -14.96 0.94
N ILE A 370 -1.01 -13.93 0.15
CA ILE A 370 -0.93 -12.57 0.57
C ILE A 370 -2.22 -11.88 0.11
N PRO A 371 -2.95 -11.12 0.97
CA PRO A 371 -4.16 -10.48 0.42
C PRO A 371 -3.83 -9.56 -0.71
N SER A 372 -4.76 -9.38 -1.59
CA SER A 372 -4.71 -8.41 -2.73
C SER A 372 -4.77 -6.93 -2.31
N ALA A 373 -4.06 -6.04 -3.02
CA ALA A 373 -4.08 -4.58 -2.76
C ALA A 373 -5.50 -3.84 -2.97
C1 NAG B . 7.01 5.36 -1.87
C2 NAG B . 6.24 4.78 -3.03
C3 NAG B . 7.17 4.43 -4.23
C4 NAG B . 8.20 5.50 -4.75
C5 NAG B . 8.50 6.53 -3.60
C6 NAG B . 8.61 7.95 -4.29
C7 NAG B . 4.16 3.47 -2.54
C8 NAG B . 3.43 4.66 -2.79
N2 NAG B . 5.50 3.60 -2.63
O3 NAG B . 6.33 4.19 -5.31
O4 NAG B . 9.37 4.83 -5.36
O5 NAG B . 7.50 6.58 -2.50
O6 NAG B . 8.31 9.02 -3.42
O7 NAG B . 3.56 2.44 -2.26
C1 NAG B . 10.71 5.41 -5.62
C2 NAG B . 12.00 4.43 -5.49
C3 NAG B . 11.81 3.31 -6.51
C4 NAG B . 10.55 3.26 -7.36
C5 NAG B . 9.99 4.61 -7.86
C6 NAG B . 8.49 4.52 -8.33
C7 NAG B . 14.65 3.92 -6.06
C8 NAG B . 14.89 2.40 -6.25
N2 NAG B . 13.48 4.77 -5.73
O3 NAG B . 11.95 2.06 -5.82
O4 NAG B . 10.98 2.53 -8.53
O5 NAG B . 10.34 5.73 -6.96
O6 NAG B . 7.78 3.26 -8.16
O7 NAG B . 15.76 4.39 -6.25
C1 NAG C . -10.75 20.88 -6.41
C2 NAG C . -10.02 22.15 -6.64
C3 NAG C . -10.19 23.09 -5.42
C4 NAG C . -11.62 23.43 -5.05
C5 NAG C . -12.26 22.05 -4.86
C6 NAG C . -13.74 22.06 -4.46
C7 NAG C . -8.08 22.04 -8.08
C8 NAG C . -6.61 21.76 -8.28
N2 NAG C . -8.60 21.90 -6.88
O3 NAG C . -9.48 24.25 -5.65
O4 NAG C . -11.50 24.24 -3.83
O5 NAG C . -12.09 21.21 -6.04
O6 NAG C . -14.47 22.41 -5.64
O7 NAG C . -8.79 22.27 -9.05
C1 NAG C . -12.39 25.36 -3.73
C2 NAG C . -12.62 25.65 -2.26
C3 NAG C . -13.18 27.10 -1.97
C4 NAG C . -12.64 28.21 -2.91
C5 NAG C . -12.82 27.62 -4.32
C6 NAG C . -12.66 28.62 -5.47
C7 NAG C . -13.31 23.68 -0.89
C8 NAG C . -14.49 22.78 -0.52
N2 NAG C . -13.57 24.65 -1.78
O3 NAG C . -12.98 27.52 -0.59
O4 NAG C . -13.33 29.48 -2.71
O5 NAG C . -11.91 26.50 -4.43
O6 NAG C . -11.39 28.42 -6.08
O7 NAG C . -12.21 23.48 -0.39
C1 NAG D . 1.53 -14.22 24.23
C2 NAG D . 0.73 -14.03 25.56
C3 NAG D . 0.70 -15.40 26.25
C4 NAG D . -0.25 -16.27 25.37
C5 NAG D . 0.34 -16.32 23.94
C6 NAG D . -0.58 -16.98 22.90
C7 NAG D . 1.97 -12.32 26.90
C8 NAG D . 1.87 -10.99 27.55
N2 NAG D . 0.90 -12.75 26.30
O3 NAG D . 0.16 -15.28 27.54
O4 NAG D . -0.64 -17.58 25.92
O5 NAG D . 0.60 -14.98 23.44
O6 NAG D . -1.63 -16.07 22.54
O7 NAG D . 2.93 -13.06 26.92
C1 NAG D . -2.13 -17.74 26.02
C2 NAG D . -2.67 -19.22 26.04
C3 NAG D . -3.48 -19.61 27.32
C4 NAG D . -3.84 -18.53 28.36
C5 NAG D . -3.87 -17.10 27.76
C6 NAG D . -4.02 -16.00 28.83
C7 NAG D . -3.25 -20.25 23.76
C8 NAG D . -4.35 -20.45 22.73
N2 NAG D . -3.56 -19.55 24.89
O3 NAG D . -2.77 -20.62 28.02
O4 NAG D . -5.09 -18.90 28.99
O5 NAG D . -2.62 -16.87 27.07
O6 NAG D . -5.07 -15.06 28.55
O7 NAG D . -2.13 -20.69 23.58
CA CA E . 6.66 -24.06 14.89
CA CA F . 0.39 0.29 -26.40
C1 MLI G . -2.93 2.67 3.76
C2 MLI G . -4.29 2.89 3.04
C3 MLI G . -1.83 3.80 3.75
O6 MLI G . -5.13 1.95 3.31
O7 MLI G . -4.42 3.88 2.24
O8 MLI G . -0.64 3.36 4.26
O9 MLI G . -2.22 4.93 3.18
C1 MLI H . -0.41 -4.23 -26.47
C2 MLI H . 0.46 -5.49 -26.51
C3 MLI H . 0.39 -2.81 -26.53
O6 MLI H . -0.01 -6.66 -26.19
O7 MLI H . 1.66 -5.21 -26.82
O8 MLI H . 1.73 -2.36 -26.56
O9 MLI H . -0.60 -2.09 -26.65
C1 MLI I . 6.24 -25.53 11.91
C2 MLI I . 5.05 -26.16 12.88
C3 MLI I . 6.56 -26.43 10.68
O6 MLI I . 4.38 -27.20 12.56
O7 MLI I . 4.77 -25.52 13.95
O8 MLI I . 5.99 -27.56 10.67
O9 MLI I . 7.29 -25.98 9.72
#